data_4IVV
#
_entry.id   4IVV
#
_cell.length_a   50.440
_cell.length_b   50.440
_cell.length_c   72.610
_cell.angle_alpha   90.00
_cell.angle_beta   90.00
_cell.angle_gamma   120.00
#
_symmetry.space_group_name_H-M   'P 32'
#
loop_
_entity.id
_entity.type
_entity.pdbx_description
1 polymer Autolysin
2 non-polymer 'ZINC ION'
3 non-polymer 1,2-ETHANEDIOL
4 water water
#
_entity_poly.entity_id   1
_entity_poly.type   'polypeptide(L)'
_entity_poly.pdbx_seq_one_letter_code
;ASMEINVSKLRTDLPQVGVQPYRQVHAHSTGNPHSTVQNEADYHWRKDPELGFFSHIVGNGAIMQVGPVDNGAWDVGGGW
NAETYAAVELIESHSTKEEFMTDYRLYIELLRNLADEAGLPKTLDTGSLAGIKTHEYATNNQPNNHSDHVDPYPYLAKWG
ISREQFKHDIENGLTIETGWQKHHHHHH
;
_entity_poly.pdbx_strand_id   A
#
# COMPACT_ATOMS: atom_id res chain seq x y z
N ALA A 1 -1.03 -20.76 -3.62
CA ALA A 1 -0.90 -19.28 -3.55
C ALA A 1 0.52 -18.92 -3.11
N SER A 2 0.97 -17.73 -3.47
CA SER A 2 2.33 -17.30 -3.15
C SER A 2 2.54 -16.97 -1.68
N MET A 3 1.54 -16.33 -1.06
CA MET A 3 1.68 -15.76 0.27
C MET A 3 0.44 -16.03 1.11
N GLU A 4 0.64 -16.21 2.41
CA GLU A 4 -0.46 -16.30 3.35
C GLU A 4 -1.04 -14.92 3.61
N ILE A 5 -2.32 -14.76 3.31
CA ILE A 5 -3.02 -13.50 3.52
C ILE A 5 -4.29 -13.77 4.31
N ASN A 6 -4.42 -13.07 5.43
CA ASN A 6 -5.56 -13.19 6.33
C ASN A 6 -6.67 -12.28 5.80
N VAL A 7 -7.81 -12.87 5.43
CA VAL A 7 -8.95 -12.12 4.87
C VAL A 7 -10.09 -11.98 5.87
N SER A 8 -9.82 -12.27 7.14
CA SER A 8 -10.86 -12.28 8.15
C SER A 8 -11.52 -10.93 8.39
N LYS A 9 -10.81 -9.83 8.10
CA LYS A 9 -11.33 -8.48 8.30
C LYS A 9 -11.44 -7.70 6.98
N LEU A 10 -11.73 -8.45 5.92
CA LEU A 10 -11.98 -7.86 4.61
C LEU A 10 -13.36 -7.23 4.60
N ARG A 11 -13.41 -5.91 4.53
CA ARG A 11 -14.67 -5.17 4.46
C ARG A 11 -15.42 -5.48 3.18
N THR A 12 -16.74 -5.57 3.30
CA THR A 12 -17.60 -5.88 2.17
C THR A 12 -18.50 -4.70 1.79
N ASP A 13 -18.37 -3.59 2.49
CA ASP A 13 -19.27 -2.44 2.37
C ASP A 13 -18.62 -1.19 1.76
N LEU A 14 -17.43 -1.32 1.19
CA LEU A 14 -16.73 -0.16 0.64
C LEU A 14 -17.21 0.17 -0.76
N PRO A 15 -17.12 1.45 -1.15
CA PRO A 15 -17.58 1.85 -2.47
C PRO A 15 -16.55 1.57 -3.56
N GLN A 16 -17.03 1.35 -4.78
CA GLN A 16 -16.16 1.35 -5.94
C GLN A 16 -15.81 2.79 -6.30
N VAL A 17 -14.56 3.00 -6.70
CA VAL A 17 -14.08 4.31 -7.12
C VAL A 17 -13.61 4.14 -8.56
N GLY A 18 -14.14 4.97 -9.46
CA GLY A 18 -13.84 4.81 -10.88
C GLY A 18 -14.39 3.51 -11.43
N VAL A 19 -13.82 3.06 -12.53
CA VAL A 19 -14.19 1.81 -13.17
C VAL A 19 -12.93 1.07 -13.61
N GLN A 20 -13.05 -0.23 -13.85
CA GLN A 20 -11.95 -0.97 -14.42
C GLN A 20 -11.61 -0.40 -15.80
N PRO A 21 -10.34 -0.47 -16.22
CA PRO A 21 -9.19 -1.08 -15.56
C PRO A 21 -8.48 -0.15 -14.59
N TYR A 22 -7.87 -0.75 -13.56
CA TYR A 22 -7.11 -0.03 -12.56
C TYR A 22 -5.63 -0.29 -12.80
N ARG A 23 -4.90 0.77 -13.10
CA ARG A 23 -3.53 0.63 -13.62
C ARG A 23 -2.42 0.75 -12.57
N GLN A 24 -2.77 0.98 -11.30
CA GLN A 24 -1.76 1.20 -10.28
C GLN A 24 -1.93 0.36 -9.05
N VAL A 25 -0.81 -0.01 -8.46
CA VAL A 25 -0.76 -0.54 -7.09
C VAL A 25 -0.08 0.54 -6.26
N HIS A 26 -0.68 0.91 -5.12
CA HIS A 26 -0.15 2.01 -4.32
C HIS A 26 0.53 1.52 -3.05
N ALA A 27 1.71 2.09 -2.80
CA ALA A 27 2.52 1.78 -1.64
C ALA A 27 2.40 2.92 -0.62
N HIS A 28 2.01 2.55 0.60
CA HIS A 28 1.71 3.47 1.68
C HIS A 28 2.40 3.03 2.98
N SER A 29 2.40 3.89 3.97
CA SER A 29 2.64 3.48 5.35
C SER A 29 1.61 4.18 6.24
N THR A 30 1.36 3.64 7.42
CA THR A 30 0.16 4.03 8.18
C THR A 30 0.24 5.40 8.85
N GLY A 31 1.44 5.91 9.06
CA GLY A 31 1.64 7.14 9.84
C GLY A 31 1.40 6.99 11.33
N ASN A 32 1.20 5.76 11.81
CA ASN A 32 0.81 5.53 13.21
C ASN A 32 1.95 4.82 13.95
N PRO A 33 2.58 5.50 14.93
CA PRO A 33 3.75 4.92 15.57
C PRO A 33 3.47 3.75 16.52
N HIS A 34 2.22 3.48 16.86
CA HIS A 34 1.90 2.50 17.89
C HIS A 34 1.03 1.33 17.45
N SER A 35 0.27 1.48 16.38
CA SER A 35 -0.72 0.47 16.03
C SER A 35 -0.11 -0.80 15.44
N THR A 36 -0.65 -1.93 15.86
CA THR A 36 -0.30 -3.23 15.28
C THR A 36 -1.12 -3.46 14.02
N VAL A 37 -0.80 -4.52 13.31
CA VAL A 37 -1.58 -4.88 12.11
C VAL A 37 -3.04 -5.16 12.47
N GLN A 38 -3.31 -5.80 13.60
CA GLN A 38 -4.69 -6.05 14.01
C GLN A 38 -5.41 -4.77 14.43
N ASN A 39 -4.71 -3.88 15.13
CA ASN A 39 -5.32 -2.57 15.46
C ASN A 39 -5.74 -1.87 14.17
N GLU A 40 -4.84 -1.86 13.19
CA GLU A 40 -5.12 -1.21 11.92
C GLU A 40 -6.27 -1.88 11.19
N ALA A 41 -6.31 -3.21 11.17
CA ALA A 41 -7.39 -3.92 10.49
C ALA A 41 -8.74 -3.67 11.16
N ASP A 42 -8.73 -3.63 12.50
CA ASP A 42 -9.94 -3.35 13.29
C ASP A 42 -10.43 -1.92 13.02
N TYR A 43 -9.54 -0.94 13.10
CA TYR A 43 -9.93 0.43 12.80
C TYR A 43 -10.44 0.56 11.37
N HIS A 44 -9.76 -0.09 10.43
CA HIS A 44 -10.18 -0.02 9.04
C HIS A 44 -11.58 -0.59 8.86
N TRP A 45 -11.92 -1.63 9.61
CA TRP A 45 -13.23 -2.26 9.51
C TRP A 45 -14.35 -1.31 9.91
N ARG A 46 -14.12 -0.51 10.95
CA ARG A 46 -15.16 0.31 11.57
C ARG A 46 -15.18 1.76 11.09
N LYS A 47 -14.08 2.23 10.50
CA LYS A 47 -13.95 3.66 10.22
C LYS A 47 -14.93 4.13 9.15
N ASP A 48 -15.22 5.42 9.17
CA ASP A 48 -15.93 6.06 8.07
C ASP A 48 -15.03 6.00 6.83
N PRO A 49 -15.50 5.35 5.75
CA PRO A 49 -14.66 5.25 4.55
C PRO A 49 -14.26 6.61 3.95
N GLU A 50 -15.05 7.65 4.22
CA GLU A 50 -14.74 9.02 3.78
C GLU A 50 -13.41 9.53 4.33
N LEU A 51 -12.91 8.91 5.41
CA LEU A 51 -11.61 9.24 5.98
C LEU A 51 -10.46 8.52 5.28
N GLY A 52 -10.77 7.70 4.27
CA GLY A 52 -9.77 6.98 3.50
C GLY A 52 -9.83 5.50 3.78
N PHE A 53 -9.54 4.70 2.75
CA PHE A 53 -9.48 3.26 2.92
C PHE A 53 -8.48 2.66 1.95
N PHE A 54 -8.18 1.38 2.16
N PHE A 54 -8.17 1.38 2.20
CA PHE A 54 -7.15 0.72 1.40
CA PHE A 54 -7.05 0.69 1.56
C PHE A 54 -7.45 -0.77 1.32
C PHE A 54 -7.47 -0.73 1.21
N SER A 55 -6.55 -1.55 0.73
CA SER A 55 -6.81 -2.98 0.52
C SER A 55 -6.03 -3.93 1.41
N HIS A 56 -4.79 -3.61 1.76
CA HIS A 56 -3.96 -4.51 2.55
C HIS A 56 -3.15 -3.76 3.59
N ILE A 57 -2.92 -4.41 4.72
CA ILE A 57 -2.01 -3.91 5.74
CA ILE A 57 -2.02 -3.92 5.76
C ILE A 57 -0.98 -5.00 6.04
N VAL A 58 0.28 -4.59 6.12
CA VAL A 58 1.40 -5.50 6.39
C VAL A 58 2.01 -5.12 7.72
N GLY A 59 2.08 -6.08 8.63
CA GLY A 59 2.70 -5.82 9.91
C GLY A 59 2.72 -7.03 10.81
N ASN A 60 3.68 -7.04 11.73
CA ASN A 60 3.77 -8.10 12.74
C ASN A 60 3.85 -9.48 12.12
N GLY A 61 4.55 -9.56 10.97
CA GLY A 61 4.77 -10.82 10.28
C GLY A 61 3.55 -11.35 9.52
N ALA A 62 2.52 -10.53 9.38
CA ALA A 62 1.27 -10.92 8.73
C ALA A 62 0.85 -9.92 7.68
N ILE A 63 -0.01 -10.40 6.79
CA ILE A 63 -0.68 -9.57 5.81
C ILE A 63 -2.17 -9.74 6.00
N MET A 64 -2.88 -8.63 6.18
CA MET A 64 -4.32 -8.64 6.27
CA MET A 64 -4.32 -8.61 6.30
C MET A 64 -4.92 -7.92 5.08
N GLN A 65 -5.80 -8.62 4.34
CA GLN A 65 -6.56 -7.96 3.29
C GLN A 65 -7.80 -7.36 3.96
N VAL A 66 -7.89 -6.04 3.90
CA VAL A 66 -8.91 -5.28 4.61
C VAL A 66 -9.92 -4.63 3.67
N GLY A 67 -9.63 -4.59 2.38
CA GLY A 67 -10.55 -4.03 1.40
C GLY A 67 -10.38 -4.75 0.08
N PRO A 68 -11.34 -4.56 -0.84
CA PRO A 68 -11.29 -5.25 -2.11
C PRO A 68 -10.19 -4.73 -3.02
N VAL A 69 -9.69 -5.61 -3.89
CA VAL A 69 -8.82 -5.19 -4.98
C VAL A 69 -9.63 -4.96 -6.25
N ASP A 70 -8.99 -4.31 -7.22
CA ASP A 70 -9.56 -4.13 -8.55
C ASP A 70 -10.86 -3.35 -8.51
N ASN A 71 -10.94 -2.37 -7.61
CA ASN A 71 -12.18 -1.65 -7.36
C ASN A 71 -11.99 -0.16 -7.09
N GLY A 72 -10.75 0.35 -7.23
CA GLY A 72 -10.46 1.72 -6.83
C GLY A 72 -10.39 1.83 -5.32
N ALA A 73 -9.99 2.99 -4.81
CA ALA A 73 -9.97 3.22 -3.38
C ALA A 73 -9.86 4.70 -3.13
N TRP A 74 -10.24 5.12 -1.92
CA TRP A 74 -9.96 6.48 -1.45
C TRP A 74 -8.67 6.45 -0.64
N ASP A 75 -7.57 6.25 -1.35
CA ASP A 75 -6.28 6.03 -0.70
C ASP A 75 -5.22 7.10 -0.94
N VAL A 76 -5.28 7.81 -2.07
CA VAL A 76 -4.23 8.76 -2.41
C VAL A 76 -4.68 10.21 -2.48
N GLY A 77 -5.95 10.49 -2.22
CA GLY A 77 -6.38 11.89 -2.07
C GLY A 77 -6.33 12.69 -3.34
N GLY A 78 -6.63 12.05 -4.47
CA GLY A 78 -6.75 12.75 -5.73
C GLY A 78 -7.19 11.80 -6.83
N GLY A 79 -6.98 12.21 -8.07
CA GLY A 79 -7.54 11.49 -9.21
C GLY A 79 -7.08 10.07 -9.37
N TRP A 80 -5.89 9.73 -8.86
CA TRP A 80 -5.44 8.35 -8.96
C TRP A 80 -6.08 7.39 -7.97
N ASN A 81 -6.98 7.89 -7.14
CA ASN A 81 -7.93 7.02 -6.43
C ASN A 81 -8.65 6.09 -7.42
N ALA A 82 -8.92 6.62 -8.61
CA ALA A 82 -9.60 5.87 -9.67
C ALA A 82 -8.66 4.94 -10.45
N GLU A 83 -7.40 4.85 -10.05
CA GLU A 83 -6.48 3.88 -10.63
C GLU A 83 -6.04 2.80 -9.65
N THR A 84 -6.58 2.82 -8.44
CA THR A 84 -6.11 1.90 -7.41
C THR A 84 -6.62 0.47 -7.61
N TYR A 85 -5.73 -0.41 -8.06
CA TYR A 85 -5.99 -1.84 -8.04
C TYR A 85 -5.86 -2.38 -6.61
N ALA A 86 -4.85 -1.91 -5.89
CA ALA A 86 -4.59 -2.31 -4.52
C ALA A 86 -3.83 -1.17 -3.85
N ALA A 87 -3.99 -1.07 -2.55
CA ALA A 87 -3.35 -0.04 -1.74
C ALA A 87 -2.84 -0.73 -0.48
N VAL A 88 -1.52 -0.80 -0.35
CA VAL A 88 -0.87 -1.59 0.68
C VAL A 88 -0.19 -0.67 1.69
N GLU A 89 -0.57 -0.78 2.95
CA GLU A 89 0.03 -0.01 4.04
C GLU A 89 0.99 -0.84 4.87
N LEU A 90 2.18 -0.33 5.10
CA LEU A 90 3.13 -0.88 6.05
C LEU A 90 2.94 -0.20 7.42
N ILE A 91 2.87 -0.98 8.49
CA ILE A 91 2.80 -0.40 9.84
C ILE A 91 4.08 0.36 10.16
N GLU A 92 3.96 1.30 11.10
CA GLU A 92 5.08 2.16 11.51
C GLU A 92 5.49 1.96 12.98
N SER A 93 5.06 0.85 13.58
CA SER A 93 5.22 0.65 15.02
C SER A 93 6.37 -0.30 15.39
N HIS A 94 7.27 -0.56 14.45
CA HIS A 94 8.42 -1.41 14.73
C HIS A 94 9.32 -0.81 15.81
N SER A 95 9.83 -1.69 16.67
N SER A 95 9.84 -1.67 16.67
CA SER A 95 10.75 -1.31 17.74
CA SER A 95 10.77 -1.23 17.72
C SER A 95 12.21 -1.56 17.34
C SER A 95 12.21 -1.65 17.44
N THR A 96 12.43 -2.53 16.48
CA THR A 96 13.78 -2.94 16.07
C THR A 96 13.86 -3.07 14.56
N LYS A 97 15.10 -3.02 14.05
CA LYS A 97 15.36 -3.21 12.64
C LYS A 97 14.94 -4.60 12.17
N GLU A 98 15.11 -5.60 13.04
CA GLU A 98 14.68 -6.97 12.72
C GLU A 98 13.17 -7.06 12.49
N GLU A 99 12.39 -6.43 13.37
CA GLU A 99 10.94 -6.38 13.20
C GLU A 99 10.57 -5.67 11.91
N PHE A 100 11.22 -4.53 11.65
CA PHE A 100 10.97 -3.79 10.42
C PHE A 100 11.26 -4.67 9.20
N MET A 101 12.40 -5.35 9.19
CA MET A 101 12.78 -6.12 8.01
C MET A 101 11.86 -7.30 7.74
N THR A 102 11.37 -7.95 8.78
CA THR A 102 10.39 -9.01 8.61
C THR A 102 9.21 -8.51 7.78
N ASP A 103 8.70 -7.34 8.15
CA ASP A 103 7.54 -6.78 7.47
C ASP A 103 7.88 -6.16 6.12
N TYR A 104 9.04 -5.52 6.02
CA TYR A 104 9.48 -4.93 4.76
C TYR A 104 9.59 -6.01 3.67
N ARG A 105 10.11 -7.18 4.04
CA ARG A 105 10.21 -8.27 3.07
C ARG A 105 8.83 -8.70 2.57
N LEU A 106 7.86 -8.80 3.47
CA LEU A 106 6.50 -9.13 3.08
C LEU A 106 5.89 -8.05 2.19
N TYR A 107 6.17 -6.79 2.53
CA TYR A 107 5.66 -5.62 1.80
C TYR A 107 6.16 -5.63 0.36
N ILE A 108 7.46 -5.84 0.16
CA ILE A 108 8.02 -5.91 -1.18
C ILE A 108 7.39 -7.05 -1.98
N GLU A 109 7.35 -8.23 -1.38
CA GLU A 109 6.82 -9.39 -2.10
C GLU A 109 5.36 -9.18 -2.45
N LEU A 110 4.58 -8.62 -1.53
CA LEU A 110 3.16 -8.40 -1.77
C LEU A 110 2.92 -7.37 -2.86
N LEU A 111 3.63 -6.24 -2.80
CA LEU A 111 3.45 -5.21 -3.82
C LEU A 111 3.73 -5.78 -5.23
N ARG A 112 4.82 -6.54 -5.34
CA ARG A 112 5.18 -7.19 -6.60
C ARG A 112 4.15 -8.21 -7.04
N ASN A 113 3.66 -9.01 -6.09
CA ASN A 113 2.66 -10.02 -6.39
CA ASN A 113 2.66 -10.01 -6.40
C ASN A 113 1.35 -9.39 -6.87
N LEU A 114 0.93 -8.30 -6.24
CA LEU A 114 -0.29 -7.62 -6.64
C LEU A 114 -0.17 -7.03 -8.04
N ALA A 115 0.99 -6.43 -8.34
CA ALA A 115 1.23 -5.94 -9.69
C ALA A 115 1.11 -7.08 -10.70
N ASP A 116 1.72 -8.22 -10.40
CA ASP A 116 1.61 -9.39 -11.29
C ASP A 116 0.16 -9.84 -11.45
N GLU A 117 -0.57 -9.92 -10.35
CA GLU A 117 -1.97 -10.32 -10.36
CA GLU A 117 -1.96 -10.35 -10.41
C GLU A 117 -2.80 -9.42 -11.25
N ALA A 118 -2.50 -8.11 -11.20
CA ALA A 118 -3.21 -7.09 -11.95
C ALA A 118 -2.74 -6.94 -13.41
N GLY A 119 -1.66 -7.63 -13.78
CA GLY A 119 -1.08 -7.48 -15.11
C GLY A 119 -0.36 -6.14 -15.30
N LEU A 120 0.23 -5.62 -14.23
CA LEU A 120 0.86 -4.31 -14.24
C LEU A 120 2.37 -4.42 -14.08
N PRO A 121 3.11 -3.42 -14.57
CA PRO A 121 4.58 -3.49 -14.46
C PRO A 121 5.06 -3.45 -13.01
N LYS A 122 6.08 -4.25 -12.71
CA LYS A 122 6.75 -4.20 -11.42
C LYS A 122 7.85 -3.12 -11.48
N THR A 123 7.38 -1.88 -11.59
CA THR A 123 8.23 -0.71 -11.60
C THR A 123 7.75 0.21 -10.49
N LEU A 124 8.64 1.09 -10.02
CA LEU A 124 8.29 2.02 -8.95
C LEU A 124 8.41 3.46 -9.40
N ASP A 125 7.32 4.21 -9.26
CA ASP A 125 7.31 5.66 -9.43
C ASP A 125 7.85 6.10 -10.79
N THR A 126 7.48 5.35 -11.82
CA THR A 126 7.83 5.74 -13.20
C THR A 126 6.80 6.71 -13.75
N GLY A 127 7.15 7.33 -14.87
CA GLY A 127 6.28 8.27 -15.55
C GLY A 127 5.16 7.67 -16.37
N SER A 128 5.13 6.34 -16.50
CA SER A 128 4.00 5.65 -17.13
C SER A 128 2.82 5.66 -16.18
N LEU A 129 1.60 5.64 -16.71
CA LEU A 129 0.42 5.56 -15.86
C LEU A 129 0.46 4.30 -15.00
N ALA A 130 0.80 3.17 -15.62
CA ALA A 130 0.74 1.89 -14.94
C ALA A 130 1.97 1.61 -14.11
N GLY A 131 1.77 0.81 -13.06
CA GLY A 131 2.86 0.33 -12.22
C GLY A 131 2.59 0.54 -10.74
N ILE A 132 3.61 0.30 -9.94
CA ILE A 132 3.53 0.56 -8.50
C ILE A 132 3.94 2.01 -8.26
N LYS A 133 3.08 2.74 -7.54
CA LYS A 133 3.34 4.14 -7.22
C LYS A 133 3.21 4.34 -5.72
N THR A 134 4.14 5.10 -5.16
CA THR A 134 4.04 5.52 -3.78
C THR A 134 2.99 6.61 -3.64
N HIS A 135 2.52 6.80 -2.40
CA HIS A 135 1.66 7.94 -2.14
C HIS A 135 2.39 9.25 -2.50
N GLU A 136 3.68 9.35 -2.17
CA GLU A 136 4.43 10.55 -2.54
C GLU A 136 4.31 10.82 -4.03
N TYR A 137 4.51 9.80 -4.85
CA TYR A 137 4.49 9.98 -6.29
C TYR A 137 3.09 10.41 -6.75
N ALA A 138 2.05 9.79 -6.18
CA ALA A 138 0.68 10.19 -6.51
C ALA A 138 0.43 11.65 -6.12
N THR A 139 0.81 12.03 -4.91
CA THR A 139 0.69 13.42 -4.48
C THR A 139 1.34 14.38 -5.47
N ASN A 140 2.55 14.03 -5.91
CA ASN A 140 3.31 14.89 -6.79
C ASN A 140 2.83 14.92 -8.24
N ASN A 141 2.09 13.91 -8.68
CA ASN A 141 1.80 13.76 -10.11
C ASN A 141 0.35 13.52 -10.50
N GLN A 142 -0.50 13.09 -9.59
CA GLN A 142 -1.87 12.75 -9.99
C GLN A 142 -2.65 14.01 -10.34
N PRO A 143 -3.62 13.88 -11.25
CA PRO A 143 -4.53 14.98 -11.52
C PRO A 143 -5.48 15.21 -10.35
N ASN A 144 -5.99 16.43 -10.23
CA ASN A 144 -6.94 16.78 -9.19
C ASN A 144 -6.46 16.37 -7.80
N ASN A 145 -5.21 16.72 -7.53
CA ASN A 145 -4.59 16.37 -6.28
C ASN A 145 -5.07 17.22 -5.13
N HIS A 146 -5.39 16.56 -4.01
CA HIS A 146 -5.74 17.19 -2.75
CA HIS A 146 -5.65 17.28 -2.77
C HIS A 146 -4.92 16.66 -1.59
N SER A 147 -3.80 16.02 -1.88
CA SER A 147 -2.94 15.38 -0.88
C SER A 147 -1.61 16.10 -0.74
N ASP A 148 -1.02 16.00 0.45
CA ASP A 148 0.39 16.34 0.65
C ASP A 148 1.21 15.14 1.08
N HIS A 149 0.59 13.96 1.21
CA HIS A 149 1.28 12.81 1.79
C HIS A 149 2.45 12.33 0.98
N VAL A 150 3.45 11.86 1.71
CA VAL A 150 4.74 11.46 1.14
C VAL A 150 5.15 10.05 1.53
N ASP A 151 4.25 9.30 2.17
CA ASP A 151 4.56 7.94 2.52
C ASP A 151 4.79 7.10 1.26
N PRO A 152 5.62 6.06 1.36
CA PRO A 152 6.26 5.52 2.57
C PRO A 152 7.70 6.00 2.79
N TYR A 153 8.13 7.04 2.09
CA TYR A 153 9.56 7.35 2.07
C TYR A 153 10.15 7.75 3.43
N PRO A 154 9.47 8.62 4.21
CA PRO A 154 10.07 8.95 5.51
C PRO A 154 10.23 7.72 6.42
N TYR A 155 9.24 6.84 6.45
CA TYR A 155 9.32 5.70 7.35
C TYR A 155 10.39 4.71 6.90
N LEU A 156 10.44 4.45 5.60
CA LEU A 156 11.49 3.59 5.06
C LEU A 156 12.87 4.12 5.45
N ALA A 157 13.05 5.44 5.34
CA ALA A 157 14.32 6.07 5.69
C ALA A 157 14.66 5.91 7.18
N LYS A 158 13.64 5.94 8.04
CA LYS A 158 13.86 5.74 9.48
C LYS A 158 14.64 4.45 9.73
N TRP A 159 14.30 3.39 8.99
CA TRP A 159 14.88 2.07 9.18
C TRP A 159 15.90 1.72 8.09
N GLY A 160 16.46 2.73 7.44
CA GLY A 160 17.63 2.56 6.59
C GLY A 160 17.37 2.11 5.17
N ILE A 161 16.15 2.30 4.67
CA ILE A 161 15.84 2.00 3.28
C ILE A 161 15.71 3.31 2.50
N SER A 162 16.65 3.56 1.59
CA SER A 162 16.67 4.77 0.78
C SER A 162 15.67 4.69 -0.36
N ARG A 163 15.47 5.83 -1.02
CA ARG A 163 14.61 5.90 -2.22
C ARG A 163 15.11 4.92 -3.27
N GLU A 164 16.43 4.90 -3.46
CA GLU A 164 17.05 4.06 -4.49
CA GLU A 164 17.07 4.08 -4.47
C GLU A 164 16.94 2.59 -4.13
N GLN A 165 17.12 2.25 -2.86
CA GLN A 165 17.01 0.86 -2.42
C GLN A 165 15.57 0.34 -2.57
N PHE A 166 14.60 1.16 -2.19
CA PHE A 166 13.21 0.76 -2.32
C PHE A 166 12.86 0.48 -3.79
N LYS A 167 13.30 1.37 -4.68
CA LYS A 167 13.11 1.15 -6.12
C LYS A 167 13.75 -0.15 -6.59
N HIS A 168 14.99 -0.38 -6.19
CA HIS A 168 15.68 -1.60 -6.57
C HIS A 168 14.93 -2.84 -6.07
N ASP A 169 14.46 -2.79 -4.83
CA ASP A 169 13.78 -3.95 -4.26
C ASP A 169 12.43 -4.22 -4.93
N ILE A 170 11.68 -3.16 -5.22
CA ILE A 170 10.43 -3.34 -5.95
C ILE A 170 10.66 -3.92 -7.34
N GLU A 171 11.68 -3.43 -8.02
CA GLU A 171 11.87 -3.79 -9.41
C GLU A 171 12.56 -5.15 -9.59
N ASN A 172 13.29 -5.60 -8.58
CA ASN A 172 14.02 -6.88 -8.66
C ASN A 172 13.54 -7.97 -7.71
N GLY A 173 12.82 -7.58 -6.65
CA GLY A 173 12.49 -8.50 -5.57
C GLY A 173 13.70 -8.70 -4.67
N LEU A 174 13.49 -9.43 -3.59
CA LEU A 174 14.55 -9.66 -2.59
C LEU A 174 15.11 -11.08 -2.71
#